data_8J5J
#
_entry.id   8J5J
#
_cell.length_a   68.373
_cell.length_b   68.373
_cell.length_c   240.863
_cell.angle_alpha   90.000
_cell.angle_beta   90.000
_cell.angle_gamma   90.000
#
_symmetry.space_group_name_H-M   'P 43 21 2'
#
loop_
_entity.id
_entity.type
_entity.pdbx_description
1 polymer 'Spike protein S1'
2 polymer 'nano antibody S43'
3 non-polymer 2-acetamido-2-deoxy-beta-D-glucopyranose
#
loop_
_entity_poly.entity_id
_entity_poly.type
_entity_poly.pdbx_seq_one_letter_code
_entity_poly.pdbx_strand_id
1 'polypeptide(L)'
;RVTPSQSVARYPNITNLCPFSQVFNATRFPSVYAWTRERISNCIADYSVLYNSTSFSTFRCYGVSPTKLNDLCFSNVYAD
SMVVRGDEVRQIAPSQTGVIADYNYKLPDDFTGCVIAWNSKAKDENGQYFYRLFRKSKLLPFQRDVSNVTYGSGKNDGCN
PSEADCYWPLLKYGFTSSVSQDYQPYRVVVLSFELLNAPATVCGPKRSTELVYNKCVNF
;
A
2 'polypeptide(L)'
;MHSSALLCCLVLLTGVRAQVQLQESGGGLVQPGGSLRLTCAPSGFTLDYYAIGWFRQAPGKEREGVSCISSNNSTYYADS
VKGRFTISRDNAKNTVYLQMNSLKPEDTAVYYCAAEPDYSGVYYYTCGWTDFGSWGQGTQVTVSS
;
E
#
loop_
_chem_comp.id
_chem_comp.type
_chem_comp.name
_chem_comp.formula
NAG D-saccharide, beta linking 2-acetamido-2-deoxy-beta-D-glucopyranose 'C8 H15 N O6'
#
# COMPACT_ATOMS: atom_id res chain seq x y z
N LEU A 17 26.98 1.28 -3.63
CA LEU A 17 25.71 1.16 -2.91
C LEU A 17 24.84 2.38 -3.18
N CYS A 18 23.60 2.11 -3.56
CA CYS A 18 22.71 3.16 -4.02
C CYS A 18 22.33 4.10 -2.87
N PRO A 19 22.13 5.40 -3.17
CA PRO A 19 21.83 6.42 -2.16
C PRO A 19 20.39 6.43 -1.66
N PHE A 20 19.89 5.25 -1.25
CA PHE A 20 18.51 5.13 -0.80
C PHE A 20 18.23 5.97 0.44
N SER A 21 19.26 6.22 1.27
CA SER A 21 19.07 7.05 2.45
C SER A 21 18.57 8.43 2.09
N GLN A 22 19.13 9.04 1.05
CA GLN A 22 18.78 10.40 0.69
C GLN A 22 17.35 10.53 0.17
N VAL A 23 16.76 9.44 -0.31
CA VAL A 23 15.35 9.49 -0.71
C VAL A 23 14.45 9.26 0.50
N PHE A 24 14.66 8.16 1.22
CA PHE A 24 13.74 7.80 2.31
C PHE A 24 13.96 8.66 3.55
N ASN A 25 15.20 8.99 3.86
CA ASN A 25 15.47 9.73 5.14
C ASN A 25 15.50 11.23 4.87
N ALA A 26 14.86 11.68 3.80
CA ALA A 26 14.89 13.12 3.44
C ALA A 26 14.02 13.90 4.40
N THR A 27 14.49 15.10 4.77
CA THR A 27 13.76 15.91 5.74
C THR A 27 12.42 16.38 5.18
N ARG A 28 12.38 16.73 3.90
CA ARG A 28 11.17 17.26 3.29
C ARG A 28 10.71 16.35 2.16
N PHE A 29 9.40 16.26 1.98
CA PHE A 29 8.75 15.47 0.96
C PHE A 29 7.79 16.35 0.18
N PRO A 30 7.48 16.00 -1.06
CA PRO A 30 6.61 16.85 -1.86
C PRO A 30 5.13 16.59 -1.58
N SER A 31 4.32 17.58 -1.93
CA SER A 31 2.90 17.33 -2.10
C SER A 31 2.71 16.36 -3.26
N VAL A 32 1.72 15.47 -3.14
CA VAL A 32 1.58 14.40 -4.12
C VAL A 32 1.33 14.97 -5.52
N TYR A 33 0.63 16.11 -5.60
CA TYR A 33 0.40 16.72 -6.91
C TYR A 33 1.69 17.24 -7.53
N ALA A 34 2.67 17.58 -6.71
CA ALA A 34 3.97 18.07 -7.16
C ALA A 34 5.07 17.06 -6.83
N TRP A 35 4.77 15.78 -7.03
CA TRP A 35 5.68 14.71 -6.67
C TRP A 35 7.03 14.85 -7.37
N THR A 36 8.08 14.45 -6.67
CA THR A 36 9.45 14.61 -7.13
C THR A 36 10.01 13.27 -7.62
N ARG A 37 10.93 13.36 -8.58
CA ARG A 37 11.57 12.21 -9.20
C ARG A 37 13.06 12.27 -8.92
N GLU A 38 13.64 11.14 -8.51
CA GLU A 38 15.08 11.04 -8.33
C GLU A 38 15.57 9.84 -9.08
N ARG A 39 16.76 9.95 -9.68
CA ARG A 39 17.29 8.92 -10.56
C ARG A 39 18.38 8.14 -9.85
N ILE A 40 18.24 6.82 -9.81
CA ILE A 40 19.20 5.91 -9.20
C ILE A 40 20.01 5.29 -10.34
N SER A 41 21.32 5.47 -10.31
CA SER A 41 22.15 5.05 -11.45
C SER A 41 23.56 4.72 -10.97
N ASN A 42 24.17 3.74 -11.62
CA ASN A 42 25.55 3.33 -11.38
C ASN A 42 25.80 3.06 -9.89
N CYS A 43 25.08 2.07 -9.39
CA CYS A 43 25.21 1.63 -8.01
C CYS A 43 24.63 0.24 -7.87
N ILE A 44 24.99 -0.41 -6.76
CA ILE A 44 24.45 -1.72 -6.40
C ILE A 44 23.31 -1.50 -5.42
N ALA A 45 22.18 -2.17 -5.64
CA ALA A 45 20.95 -1.95 -4.88
C ALA A 45 20.59 -3.23 -4.13
N ASP A 46 21.01 -3.33 -2.88
CA ASP A 46 20.54 -4.38 -1.98
C ASP A 46 19.23 -3.90 -1.37
N TYR A 47 18.12 -4.35 -1.94
CA TYR A 47 16.82 -3.93 -1.43
C TYR A 47 16.54 -4.54 -0.07
N SER A 48 17.18 -5.65 0.27
CA SER A 48 16.92 -6.30 1.56
C SER A 48 17.47 -5.50 2.73
N VAL A 49 18.53 -4.71 2.51
CA VAL A 49 19.00 -3.82 3.57
C VAL A 49 18.13 -2.58 3.67
N LEU A 50 17.42 -2.23 2.59
CA LEU A 50 16.43 -1.16 2.67
C LEU A 50 15.23 -1.61 3.50
N TYR A 51 14.87 -2.89 3.42
CA TYR A 51 13.70 -3.40 4.13
C TYR A 51 13.77 -3.12 5.63
N ASN A 52 14.96 -3.34 6.23
CA ASN A 52 15.10 -3.51 7.68
C ASN A 52 14.53 -2.36 8.52
N SER A 53 14.15 -1.26 7.87
CA SER A 53 13.38 -0.24 8.54
C SER A 53 11.99 -0.81 8.80
N THR A 54 11.74 -1.25 10.03
CA THR A 54 10.44 -1.78 10.41
C THR A 54 9.35 -0.71 10.48
N SER A 55 9.68 0.54 10.15
CA SER A 55 8.68 1.59 10.07
C SER A 55 7.75 1.44 8.89
N PHE A 56 8.04 0.50 7.97
CA PHE A 56 7.35 0.42 6.69
C PHE A 56 5.99 -0.23 6.89
N SER A 57 4.94 0.60 6.87
CA SER A 57 3.57 0.08 6.86
C SER A 57 3.26 -0.65 5.56
N THR A 58 3.95 -0.28 4.48
CA THR A 58 3.70 -0.84 3.17
C THR A 58 5.01 -1.08 2.45
N PHE A 59 5.12 -2.25 1.81
CA PHE A 59 6.26 -2.56 0.96
C PHE A 59 5.85 -3.65 -0.02
N ARG A 60 5.24 -3.27 -1.14
CA ARG A 60 4.75 -4.21 -2.13
C ARG A 60 5.40 -3.93 -3.47
N CYS A 61 5.59 -4.99 -4.25
CA CYS A 61 6.25 -4.88 -5.55
C CYS A 61 5.39 -5.52 -6.62
N TYR A 62 5.62 -5.08 -7.86
CA TYR A 62 4.80 -5.46 -9.00
C TYR A 62 5.72 -5.84 -10.16
N GLY A 63 5.46 -6.99 -10.77
CA GLY A 63 6.23 -7.46 -11.89
C GLY A 63 7.59 -8.03 -11.55
N VAL A 64 7.96 -8.04 -10.27
CA VAL A 64 9.24 -8.61 -9.84
C VAL A 64 9.03 -9.29 -8.49
N SER A 65 9.63 -10.46 -8.33
CA SER A 65 9.61 -11.11 -7.03
C SER A 65 10.54 -10.36 -6.10
N PRO A 66 10.09 -10.01 -4.89
CA PRO A 66 10.96 -9.23 -3.99
C PRO A 66 12.14 -10.04 -3.48
N THR A 67 12.02 -11.36 -3.42
CA THR A 67 13.19 -12.20 -3.17
C THR A 67 14.19 -12.12 -4.32
N LYS A 68 13.69 -12.07 -5.55
CA LYS A 68 14.53 -12.12 -6.75
C LYS A 68 15.17 -10.77 -7.07
N LEU A 69 14.82 -9.71 -6.34
CA LEU A 69 15.38 -8.39 -6.62
C LEU A 69 16.89 -8.35 -6.44
N ASN A 70 17.46 -9.23 -5.61
CA ASN A 70 18.88 -9.23 -5.34
C ASN A 70 19.72 -9.68 -6.53
N ASP A 71 19.09 -10.25 -7.57
CA ASP A 71 19.79 -10.86 -8.69
C ASP A 71 19.40 -10.21 -10.01
N LEU A 72 18.62 -9.13 -9.97
CA LEU A 72 18.19 -8.43 -11.18
C LEU A 72 19.08 -7.23 -11.47
N CYS A 73 19.07 -6.83 -12.74
CA CYS A 73 19.73 -5.62 -13.22
C CYS A 73 18.74 -4.83 -14.05
N PHE A 74 18.79 -3.50 -13.92
CA PHE A 74 17.85 -2.63 -14.61
C PHE A 74 18.62 -1.53 -15.33
N SER A 75 18.07 -1.08 -16.46
CA SER A 75 18.70 -0.01 -17.21
C SER A 75 18.42 1.37 -16.61
N ASN A 76 17.33 1.53 -15.87
CA ASN A 76 17.01 2.82 -15.27
C ASN A 76 16.04 2.62 -14.13
N VAL A 77 16.36 3.21 -12.97
CA VAL A 77 15.51 3.15 -11.78
C VAL A 77 15.16 4.58 -11.38
N TYR A 78 13.88 4.82 -11.08
CA TYR A 78 13.41 6.11 -10.60
C TYR A 78 12.79 5.96 -9.22
N ALA A 79 12.93 7.02 -8.41
CA ALA A 79 12.39 7.05 -7.05
C ALA A 79 11.51 8.28 -6.92
N ASP A 80 10.21 8.10 -7.14
CA ASP A 80 9.22 9.14 -6.93
C ASP A 80 8.77 9.13 -5.47
N SER A 81 8.38 10.30 -4.98
CA SER A 81 8.04 10.43 -3.56
C SER A 81 6.95 11.47 -3.38
N MET A 82 6.16 11.31 -2.32
CA MET A 82 4.94 12.07 -2.13
C MET A 82 4.41 11.83 -0.73
N VAL A 83 3.48 12.70 -0.32
CA VAL A 83 2.79 12.59 0.97
C VAL A 83 1.29 12.53 0.70
N VAL A 84 0.68 11.41 1.06
CA VAL A 84 -0.78 11.25 0.94
C VAL A 84 -1.33 10.77 2.28
N ARG A 85 -2.63 10.47 2.32
CA ARG A 85 -3.25 9.99 3.54
C ARG A 85 -3.11 8.48 3.67
N GLY A 86 -3.29 8.00 4.90
CA GLY A 86 -3.20 6.57 5.16
C GLY A 86 -4.13 5.76 4.28
N ASP A 87 -5.40 6.17 4.20
CA ASP A 87 -6.37 5.48 3.37
C ASP A 87 -6.26 5.81 1.89
N GLU A 88 -5.23 6.56 1.48
CA GLU A 88 -4.93 6.75 0.06
C GLU A 88 -3.71 5.99 -0.40
N VAL A 89 -2.93 5.41 0.52
CA VAL A 89 -1.73 4.69 0.13
C VAL A 89 -2.08 3.52 -0.78
N ARG A 90 -3.23 2.87 -0.53
CA ARG A 90 -3.67 1.78 -1.38
C ARG A 90 -3.82 2.22 -2.85
N GLN A 91 -4.03 3.51 -3.11
CA GLN A 91 -4.19 3.98 -4.48
C GLN A 91 -2.87 4.09 -5.22
N ILE A 92 -1.74 4.08 -4.52
CA ILE A 92 -0.42 4.17 -5.17
C ILE A 92 -0.05 2.74 -5.54
N ALA A 93 -0.61 2.27 -6.64
CA ALA A 93 -0.47 0.91 -7.14
C ALA A 93 -1.03 0.86 -8.56
N PRO A 94 -0.65 -0.15 -9.34
CA PRO A 94 -1.21 -0.27 -10.69
C PRO A 94 -2.73 -0.33 -10.69
N SER A 95 -3.32 0.23 -11.75
CA SER A 95 -4.70 -0.09 -12.15
C SER A 95 -5.71 0.20 -11.04
N GLN A 96 -5.57 1.35 -10.38
CA GLN A 96 -6.39 1.67 -9.23
C GLN A 96 -7.19 2.95 -9.46
N THR A 97 -8.29 3.07 -8.72
CA THR A 97 -9.19 4.20 -8.81
C THR A 97 -9.10 5.07 -7.56
N GLY A 98 -9.36 6.36 -7.74
CA GLY A 98 -9.35 7.29 -6.63
C GLY A 98 -8.89 8.66 -7.09
N VAL A 99 -9.06 9.64 -6.20
CA VAL A 99 -8.68 11.02 -6.54
C VAL A 99 -7.18 11.14 -6.71
N ILE A 100 -6.40 10.40 -5.91
CA ILE A 100 -4.95 10.44 -6.07
C ILE A 100 -4.54 9.72 -7.35
N ALA A 101 -5.03 8.53 -7.57
CA ALA A 101 -4.54 7.74 -8.72
C ALA A 101 -5.08 8.23 -10.05
N ASP A 102 -5.85 9.30 -10.08
CA ASP A 102 -6.52 9.71 -11.34
C ASP A 102 -6.31 11.19 -11.55
N TYR A 103 -5.89 11.92 -10.40
CA TYR A 103 -5.57 13.33 -10.59
C TYR A 103 -4.21 13.75 -10.04
N ASN A 104 -3.47 12.86 -9.38
CA ASN A 104 -2.23 13.27 -8.73
C ASN A 104 -1.04 12.41 -9.14
N TYR A 105 -1.17 11.10 -8.99
CA TYR A 105 -0.06 10.21 -9.32
C TYR A 105 -0.63 8.90 -9.83
N LYS A 106 -0.38 8.59 -11.10
CA LYS A 106 -0.89 7.38 -11.73
C LYS A 106 0.25 6.45 -12.10
N LEU A 107 -0.01 5.15 -11.98
CA LEU A 107 0.94 4.11 -12.32
C LEU A 107 0.43 3.27 -13.48
N PRO A 108 1.32 2.85 -14.38
CA PRO A 108 0.88 2.05 -15.52
C PRO A 108 0.34 0.70 -15.08
N ASP A 109 -0.50 0.10 -15.92
CA ASP A 109 -1.01 -1.23 -15.63
C ASP A 109 0.12 -2.26 -15.60
N ASP A 110 1.09 -2.13 -16.51
CA ASP A 110 2.23 -3.04 -16.53
C ASP A 110 3.35 -2.59 -15.61
N PHE A 111 3.04 -1.81 -14.58
CA PHE A 111 4.05 -1.26 -13.67
C PHE A 111 5.01 -2.34 -13.16
N THR A 112 6.30 -2.03 -13.21
CA THR A 112 7.36 -2.88 -12.68
C THR A 112 8.15 -2.07 -11.67
N GLY A 113 7.98 -2.39 -10.39
CA GLY A 113 8.66 -1.66 -9.34
C GLY A 113 8.04 -1.96 -8.00
N CYS A 114 8.31 -1.09 -7.03
CA CYS A 114 7.88 -1.28 -5.66
C CYS A 114 7.34 0.02 -5.08
N VAL A 115 6.42 -0.10 -4.13
CA VAL A 115 5.79 1.01 -3.44
C VAL A 115 6.05 0.84 -1.95
N ILE A 116 6.68 1.83 -1.33
CA ILE A 116 7.00 1.81 0.09
C ILE A 116 6.32 3.00 0.75
N ALA A 117 5.77 2.79 1.95
CA ALA A 117 5.07 3.84 2.65
C ALA A 117 5.27 3.67 4.16
N TRP A 118 5.22 4.80 4.87
CA TRP A 118 5.34 4.79 6.33
C TRP A 118 4.63 6.01 6.90
N ASN A 119 4.25 5.91 8.17
CA ASN A 119 3.53 6.99 8.85
C ASN A 119 4.49 8.12 9.18
N SER A 120 4.10 9.34 8.82
CA SER A 120 4.97 10.50 8.97
C SER A 120 4.33 11.62 9.79
N LYS A 121 3.37 11.28 10.65
CA LYS A 121 2.75 12.29 11.51
C LYS A 121 3.79 13.01 12.36
N ALA A 122 4.93 12.36 12.63
CA ALA A 122 5.95 12.98 13.45
C ALA A 122 6.55 14.20 12.76
N LYS A 123 6.75 14.12 11.44
CA LYS A 123 7.39 15.18 10.70
C LYS A 123 6.45 16.01 9.83
N ASP A 124 5.30 15.48 9.43
CA ASP A 124 4.42 16.16 8.49
C ASP A 124 3.09 16.62 9.07
N GLU A 125 2.70 16.14 10.25
CA GLU A 125 1.58 16.78 10.94
C GLU A 125 1.86 18.27 11.07
N ASN A 126 0.80 19.07 10.88
CA ASN A 126 0.93 20.50 10.77
C ASN A 126 1.93 20.85 9.67
N GLY A 127 1.61 20.35 8.48
CA GLY A 127 2.46 20.57 7.32
C GLY A 127 1.63 21.03 6.15
N GLN A 128 2.25 21.86 5.31
CA GLN A 128 1.56 22.47 4.18
C GLN A 128 1.64 21.49 3.01
N TYR A 129 0.64 20.62 2.92
CA TYR A 129 0.58 19.57 1.92
C TYR A 129 -0.75 19.64 1.18
N PHE A 130 -0.71 19.35 -0.12
CA PHE A 130 -1.86 19.56 -1.00
C PHE A 130 -2.12 18.34 -1.86
N TYR A 131 -3.31 18.30 -2.44
CA TYR A 131 -3.70 17.29 -3.42
C TYR A 131 -4.72 17.92 -4.37
N ARG A 132 -4.80 17.38 -5.58
CA ARG A 132 -5.69 17.93 -6.61
C ARG A 132 -7.04 17.24 -6.55
N LEU A 133 -8.10 18.02 -6.32
CA LEU A 133 -9.46 17.49 -6.29
C LEU A 133 -10.08 17.47 -7.67
N PHE A 134 -10.00 18.58 -8.39
CA PHE A 134 -10.68 18.76 -9.67
C PHE A 134 -9.68 18.64 -10.80
N ARG A 135 -10.10 18.00 -11.90
CA ARG A 135 -9.29 18.01 -13.10
C ARG A 135 -10.18 17.75 -14.30
N LYS A 136 -9.77 18.29 -15.45
CA LYS A 136 -10.54 18.12 -16.67
C LYS A 136 -10.53 16.68 -17.15
N SER A 137 -9.48 15.93 -16.84
CA SER A 137 -9.36 14.55 -17.29
C SER A 137 -8.42 13.83 -16.34
N LYS A 138 -8.30 12.52 -16.53
CA LYS A 138 -7.44 11.71 -15.68
C LYS A 138 -6.01 11.77 -16.19
N LEU A 139 -5.06 11.69 -15.26
CA LEU A 139 -3.65 11.71 -15.62
C LEU A 139 -3.29 10.47 -16.42
N LEU A 140 -2.46 10.67 -17.44
CA LEU A 140 -1.75 9.57 -18.04
C LEU A 140 -0.73 9.03 -17.02
N PRO A 141 -0.35 7.76 -17.14
CA PRO A 141 0.62 7.20 -16.18
C PRO A 141 1.91 8.00 -16.16
N PHE A 142 2.39 8.29 -14.94
CA PHE A 142 3.61 9.06 -14.66
C PHE A 142 3.50 10.53 -15.03
N GLN A 143 2.30 11.02 -15.35
CA GLN A 143 2.10 12.44 -15.60
C GLN A 143 2.14 13.23 -14.30
N ARG A 144 2.44 14.52 -14.42
CA ARG A 144 2.49 15.43 -13.29
C ARG A 144 1.82 16.73 -13.71
N ASP A 145 1.04 17.32 -12.80
CA ASP A 145 0.27 18.52 -13.13
C ASP A 145 0.44 19.52 -12.00
N VAL A 146 1.21 20.58 -12.25
CA VAL A 146 1.48 21.61 -11.26
C VAL A 146 0.64 22.86 -11.49
N SER A 147 -0.41 22.78 -12.31
CA SER A 147 -1.23 23.93 -12.60
C SER A 147 -2.05 24.32 -11.37
N ASN A 148 -2.18 25.63 -11.16
CA ASN A 148 -3.02 26.21 -10.12
C ASN A 148 -3.97 27.24 -10.72
N VAL A 149 -4.70 26.79 -11.74
CA VAL A 149 -5.73 27.59 -12.40
C VAL A 149 -7.09 27.14 -11.88
N THR A 150 -8.00 28.09 -11.68
CA THR A 150 -9.28 27.79 -11.06
C THR A 150 -10.14 26.92 -11.99
N TYR A 151 -10.90 26.02 -11.37
CA TYR A 151 -11.70 25.02 -12.07
C TYR A 151 -13.16 25.44 -12.07
N GLY A 152 -13.77 25.47 -13.25
CA GLY A 152 -15.17 25.81 -13.38
C GLY A 152 -16.09 24.62 -13.56
N SER A 153 -16.90 24.34 -12.55
CA SER A 153 -17.93 23.30 -12.64
C SER A 153 -19.07 23.80 -13.51
N GLY A 154 -19.11 23.32 -14.75
CA GLY A 154 -20.09 23.82 -15.71
C GLY A 154 -19.64 25.12 -16.33
N LYS A 155 -18.82 25.87 -15.59
CA LYS A 155 -18.22 27.09 -16.09
C LYS A 155 -16.95 26.75 -16.87
N ASN A 156 -16.34 27.78 -17.45
CA ASN A 156 -15.01 27.65 -18.04
C ASN A 156 -13.98 27.89 -16.95
N ASP A 157 -12.83 27.22 -17.05
CA ASP A 157 -11.79 27.40 -16.06
C ASP A 157 -11.26 28.84 -16.10
N GLY A 158 -10.53 29.22 -15.05
CA GLY A 158 -10.08 30.58 -14.91
C GLY A 158 -11.12 31.53 -14.39
N CYS A 159 -12.25 31.03 -13.91
CA CYS A 159 -13.32 31.87 -13.40
C CYS A 159 -12.98 32.41 -12.02
N ASN A 160 -13.85 33.27 -11.50
CA ASN A 160 -13.59 33.95 -10.24
C ASN A 160 -13.97 33.06 -9.06
N PRO A 161 -13.03 32.72 -8.17
CA PRO A 161 -13.38 31.85 -7.04
C PRO A 161 -14.43 32.41 -6.10
N SER A 162 -14.59 33.73 -6.04
CA SER A 162 -15.64 34.29 -5.19
C SER A 162 -17.02 33.96 -5.74
N GLU A 163 -17.14 33.77 -7.04
CA GLU A 163 -18.39 33.34 -7.65
C GLU A 163 -18.64 31.87 -7.31
N ALA A 164 -19.89 31.46 -7.47
CA ALA A 164 -20.24 30.08 -7.23
C ALA A 164 -19.80 29.21 -8.40
N ASP A 165 -19.75 27.89 -8.15
CA ASP A 165 -19.36 26.89 -9.14
C ASP A 165 -17.93 27.06 -9.62
N CYS A 166 -17.09 27.77 -8.86
CA CYS A 166 -15.71 28.00 -9.19
C CYS A 166 -14.85 27.69 -7.98
N TYR A 167 -13.91 26.78 -8.14
CA TYR A 167 -13.10 26.30 -7.04
C TYR A 167 -11.62 26.34 -7.40
N TRP A 168 -10.79 26.55 -6.39
CA TRP A 168 -9.38 26.25 -6.52
C TRP A 168 -9.20 24.74 -6.55
N PRO A 169 -8.45 24.20 -7.52
CA PRO A 169 -8.40 22.74 -7.66
C PRO A 169 -7.53 22.05 -6.62
N LEU A 170 -6.63 22.77 -5.95
CA LEU A 170 -5.69 22.19 -5.01
C LEU A 170 -6.13 22.49 -3.58
N LEU A 171 -6.24 21.45 -2.76
CA LEU A 171 -6.79 21.54 -1.42
C LEU A 171 -5.76 21.07 -0.40
N LYS A 172 -5.67 21.77 0.73
CA LYS A 172 -4.74 21.35 1.77
C LYS A 172 -5.27 20.11 2.48
N TYR A 173 -4.35 19.32 3.01
CA TYR A 173 -4.71 18.01 3.55
C TYR A 173 -5.33 18.13 4.94
N GLY A 174 -4.82 19.04 5.78
CA GLY A 174 -5.31 19.17 7.13
C GLY A 174 -4.96 17.99 8.01
N PHE A 175 -3.68 17.83 8.30
CA PHE A 175 -3.18 16.72 9.10
C PHE A 175 -3.18 17.11 10.58
N THR A 176 -4.39 17.30 11.11
CA THR A 176 -4.52 17.70 12.50
C THR A 176 -4.01 16.59 13.43
N SER A 177 -3.75 16.96 14.67
CA SER A 177 -3.15 16.04 15.62
C SER A 177 -4.14 15.08 16.25
N SER A 178 -5.42 15.19 15.93
CA SER A 178 -6.46 14.35 16.53
C SER A 178 -7.05 13.33 15.57
N VAL A 179 -6.65 13.34 14.30
CA VAL A 179 -7.31 12.49 13.32
C VAL A 179 -6.92 11.03 13.52
N SER A 180 -7.67 10.16 12.85
CA SER A 180 -7.36 8.74 12.85
C SER A 180 -6.20 8.46 11.89
N GLN A 181 -5.57 7.29 12.08
CA GLN A 181 -4.46 6.89 11.23
C GLN A 181 -4.83 6.88 9.75
N ASP A 182 -6.11 6.67 9.44
CA ASP A 182 -6.57 6.76 8.06
C ASP A 182 -6.45 8.17 7.49
N TYR A 183 -6.31 9.18 8.35
CA TYR A 183 -6.21 10.56 7.91
C TYR A 183 -4.84 11.19 8.11
N GLN A 184 -3.93 10.52 8.81
CA GLN A 184 -2.62 11.10 9.10
C GLN A 184 -1.71 11.05 7.88
N PRO A 185 -0.67 11.88 7.85
CA PRO A 185 0.23 11.87 6.68
C PRO A 185 1.08 10.61 6.64
N TYR A 186 1.21 10.06 5.44
CA TYR A 186 2.11 8.95 5.17
C TYR A 186 3.04 9.33 4.02
N ARG A 187 4.33 9.10 4.21
CA ARG A 187 5.29 9.35 3.14
C ARG A 187 5.41 8.12 2.26
N VAL A 188 5.29 8.30 0.95
CA VAL A 188 5.36 7.22 -0.02
C VAL A 188 6.55 7.46 -0.93
N VAL A 189 7.31 6.40 -1.19
CA VAL A 189 8.36 6.40 -2.20
C VAL A 189 8.09 5.24 -3.15
N VAL A 190 8.10 5.53 -4.45
CA VAL A 190 7.78 4.55 -5.47
C VAL A 190 9.03 4.33 -6.31
N LEU A 191 9.63 3.15 -6.17
CA LEU A 191 10.74 2.74 -7.02
C LEU A 191 10.19 2.06 -8.26
N SER A 192 10.52 2.58 -9.44
CA SER A 192 10.07 2.03 -10.70
C SER A 192 11.28 1.51 -11.48
N PHE A 193 11.20 0.25 -11.90
CA PHE A 193 12.29 -0.40 -12.61
C PHE A 193 11.95 -0.52 -14.08
N GLU A 194 12.97 -0.41 -14.93
CA GLU A 194 12.82 -0.67 -16.35
C GLU A 194 14.17 -1.16 -16.88
N LEU A 195 14.12 -2.16 -17.75
CA LEU A 195 15.32 -2.62 -18.46
C LEU A 195 14.95 -2.74 -19.93
N LEU A 196 15.65 -1.96 -20.76
CA LEU A 196 15.47 -1.93 -22.20
C LEU A 196 16.72 -2.51 -22.85
N ASN A 197 16.86 -2.26 -24.16
CA ASN A 197 18.11 -2.60 -24.86
C ASN A 197 19.07 -1.44 -24.64
N ALA A 198 19.65 -1.42 -23.45
CA ALA A 198 20.56 -0.37 -23.03
C ALA A 198 21.42 -0.91 -21.90
N PRO A 199 22.60 -0.37 -21.70
CA PRO A 199 23.46 -0.87 -20.62
C PRO A 199 22.80 -0.71 -19.25
N ALA A 200 23.25 -1.55 -18.33
CA ALA A 200 22.70 -1.57 -16.98
C ALA A 200 23.35 -0.51 -16.12
N THR A 201 22.52 0.17 -15.33
CA THR A 201 22.99 1.16 -14.36
C THR A 201 22.75 0.75 -12.92
N VAL A 202 21.88 -0.22 -12.66
CA VAL A 202 21.60 -0.66 -11.30
C VAL A 202 21.54 -2.19 -11.30
N CYS A 203 22.23 -2.80 -10.34
CA CYS A 203 22.28 -4.24 -10.22
C CYS A 203 22.25 -4.63 -8.75
N GLY A 204 21.76 -5.85 -8.49
CA GLY A 204 21.74 -6.36 -7.15
C GLY A 204 23.05 -7.00 -6.76
N PRO A 205 23.13 -7.41 -5.49
CA PRO A 205 24.39 -8.01 -5.01
C PRO A 205 24.85 -9.23 -5.79
N LYS A 206 23.92 -10.12 -6.16
CA LYS A 206 24.30 -11.35 -6.85
C LYS A 206 24.78 -11.08 -8.26
N ARG A 207 24.32 -10.00 -8.89
CA ARG A 207 24.55 -9.77 -10.32
C ARG A 207 25.35 -8.50 -10.57
N SER A 208 26.27 -8.16 -9.68
CA SER A 208 27.16 -7.03 -9.88
C SER A 208 27.98 -7.22 -11.16
N GLN B 21 -17.86 -5.69 0.66
CA GLN B 21 -18.39 -6.18 1.92
C GLN B 21 -17.91 -7.61 2.20
N LEU B 22 -17.48 -7.85 3.44
CA LEU B 22 -16.80 -9.09 3.81
C LEU B 22 -17.39 -9.64 5.10
N GLN B 23 -17.76 -10.92 5.09
CA GLN B 23 -18.33 -11.57 6.27
C GLN B 23 -17.35 -12.57 6.84
N GLU B 24 -17.16 -12.53 8.15
CA GLU B 24 -16.07 -13.27 8.80
C GLU B 24 -16.64 -14.19 9.86
N SER B 25 -16.20 -15.44 9.85
CA SER B 25 -16.69 -16.41 10.82
C SER B 25 -15.57 -17.36 11.22
N GLY B 26 -15.77 -18.03 12.34
CA GLY B 26 -14.89 -19.10 12.78
C GLY B 26 -14.11 -18.81 14.04
N GLY B 27 -14.16 -17.57 14.56
CA GLY B 27 -13.45 -17.27 15.77
C GLY B 27 -14.18 -17.74 17.01
N GLY B 28 -13.47 -17.77 18.13
CA GLY B 28 -14.06 -18.21 19.38
C GLY B 28 -13.01 -18.52 20.42
N LEU B 29 -13.43 -19.27 21.45
CA LEU B 29 -12.59 -19.58 22.59
C LEU B 29 -11.90 -20.92 22.38
N VAL B 30 -10.57 -20.94 22.57
CA VAL B 30 -9.74 -22.09 22.26
C VAL B 30 -8.61 -22.17 23.28
N GLN B 31 -8.26 -23.39 23.68
CA GLN B 31 -7.16 -23.59 24.61
C GLN B 31 -5.82 -23.44 23.89
N PRO B 32 -4.76 -23.11 24.63
CA PRO B 32 -3.42 -23.03 24.01
C PRO B 32 -3.04 -24.33 23.31
N GLY B 33 -2.63 -24.21 22.05
CA GLY B 33 -2.31 -25.34 21.22
C GLY B 33 -3.44 -25.83 20.34
N GLY B 34 -4.63 -25.23 20.46
CA GLY B 34 -5.80 -25.70 19.74
C GLY B 34 -5.86 -25.18 18.32
N SER B 35 -6.99 -25.47 17.67
CA SER B 35 -7.18 -25.13 16.28
C SER B 35 -8.35 -24.17 16.13
N LEU B 36 -8.29 -23.37 15.06
CA LEU B 36 -9.36 -22.49 14.63
C LEU B 36 -9.25 -22.32 13.13
N ARG B 37 -10.40 -22.19 12.46
CA ARG B 37 -10.40 -21.83 11.04
C ARG B 37 -11.26 -20.60 10.83
N LEU B 38 -10.61 -19.48 10.51
CA LEU B 38 -11.30 -18.24 10.21
C LEU B 38 -11.73 -18.25 8.75
N THR B 39 -12.98 -17.86 8.49
CA THR B 39 -13.50 -17.75 7.13
C THR B 39 -13.74 -16.30 6.78
N CYS B 40 -13.44 -15.95 5.53
CA CYS B 40 -13.76 -14.64 4.97
C CYS B 40 -14.60 -14.86 3.73
N ALA B 41 -15.74 -14.18 3.65
CA ALA B 41 -16.74 -14.44 2.62
C ALA B 41 -17.12 -13.15 1.92
N PRO B 42 -16.92 -13.04 0.61
CA PRO B 42 -17.31 -11.81 -0.09
C PRO B 42 -18.77 -11.82 -0.50
N SER B 43 -19.36 -10.64 -0.50
CA SER B 43 -20.68 -10.41 -1.10
C SER B 43 -20.55 -9.30 -2.13
N GLY B 44 -21.20 -9.48 -3.27
CA GLY B 44 -21.21 -8.45 -4.27
C GLY B 44 -19.95 -8.31 -5.09
N PHE B 45 -18.95 -9.18 -4.90
CA PHE B 45 -17.82 -9.25 -5.83
C PHE B 45 -17.21 -10.63 -5.75
N THR B 46 -16.35 -10.92 -6.73
CA THR B 46 -15.63 -12.19 -6.79
C THR B 46 -14.20 -11.99 -6.30
N LEU B 47 -13.70 -12.94 -5.52
CA LEU B 47 -12.34 -12.88 -5.00
C LEU B 47 -11.30 -13.37 -6.00
N ASP B 48 -11.67 -13.53 -7.26
CA ASP B 48 -10.75 -14.07 -8.25
C ASP B 48 -9.61 -13.10 -8.53
N TYR B 49 -9.96 -11.87 -8.92
CA TYR B 49 -8.97 -10.83 -9.21
C TYR B 49 -8.74 -9.91 -8.02
N TYR B 50 -8.90 -10.41 -6.81
CA TYR B 50 -8.72 -9.64 -5.59
C TYR B 50 -7.60 -10.24 -4.76
N ALA B 51 -7.03 -9.39 -3.90
CA ALA B 51 -6.10 -9.82 -2.87
C ALA B 51 -6.80 -9.73 -1.52
N ILE B 52 -6.58 -10.73 -0.67
CA ILE B 52 -7.23 -10.80 0.64
C ILE B 52 -6.17 -10.95 1.72
N GLY B 53 -6.32 -10.19 2.79
CA GLY B 53 -5.43 -10.29 3.93
C GLY B 53 -6.16 -10.56 5.22
N TRP B 54 -5.49 -11.17 6.19
CA TRP B 54 -6.03 -11.35 7.53
C TRP B 54 -5.25 -10.47 8.50
N PHE B 55 -5.98 -9.72 9.32
CA PHE B 55 -5.38 -8.76 10.23
C PHE B 55 -5.95 -8.98 11.62
N ARG B 56 -5.11 -8.79 12.63
CA ARG B 56 -5.56 -8.84 14.01
C ARG B 56 -5.26 -7.52 14.70
N GLN B 57 -6.08 -7.18 15.68
CA GLN B 57 -5.91 -5.98 16.50
C GLN B 57 -6.16 -6.37 17.96
N ALA B 58 -5.10 -6.47 18.73
CA ALA B 58 -5.21 -6.69 20.16
C ALA B 58 -5.76 -5.43 20.82
N PRO B 59 -6.22 -5.50 22.06
CA PRO B 59 -6.67 -4.30 22.76
C PRO B 59 -5.61 -3.21 22.76
N GLY B 60 -5.97 -2.04 22.27
CA GLY B 60 -5.07 -0.89 22.20
C GLY B 60 -4.07 -0.90 21.06
N LYS B 61 -3.41 -2.03 20.83
CA LYS B 61 -2.37 -2.13 19.82
C LYS B 61 -2.97 -1.92 18.42
N GLU B 62 -2.07 -1.71 17.45
CA GLU B 62 -2.48 -1.37 16.09
C GLU B 62 -2.66 -2.65 15.27
N ARG B 63 -3.50 -2.55 14.24
CA ARG B 63 -3.78 -3.65 13.33
C ARG B 63 -2.51 -4.21 12.70
N GLU B 64 -2.13 -5.41 13.09
CA GLU B 64 -0.98 -6.09 12.49
C GLU B 64 -1.45 -7.06 11.42
N GLY B 65 -0.68 -7.15 10.33
CA GLY B 65 -0.99 -8.11 9.28
C GLY B 65 -0.54 -9.51 9.67
N VAL B 66 -1.45 -10.47 9.54
CA VAL B 66 -1.19 -11.86 9.92
C VAL B 66 -0.76 -12.70 8.73
N SER B 67 -1.57 -12.73 7.69
CA SER B 67 -1.25 -13.45 6.46
C SER B 67 -2.03 -12.83 5.32
N CYS B 68 -1.38 -12.73 4.16
CA CYS B 68 -2.01 -12.18 2.97
C CYS B 68 -1.70 -13.05 1.77
N ILE B 69 -2.66 -13.10 0.86
CA ILE B 69 -2.52 -13.82 -0.41
C ILE B 69 -2.98 -12.87 -1.50
N SER B 70 -2.19 -12.80 -2.57
CA SER B 70 -2.55 -12.00 -3.73
C SER B 70 -3.13 -12.90 -4.81
N SER B 71 -3.59 -12.29 -5.90
CA SER B 71 -4.06 -13.08 -7.02
C SER B 71 -2.94 -13.93 -7.61
N ASN B 72 -1.69 -13.48 -7.46
CA ASN B 72 -0.53 -14.29 -7.83
C ASN B 72 -0.54 -15.65 -7.15
N ASN B 73 -1.36 -15.82 -6.12
CA ASN B 73 -1.26 -16.89 -5.12
C ASN B 73 0.03 -16.75 -4.31
N SER B 74 0.79 -15.68 -4.53
CA SER B 74 1.88 -15.30 -3.65
C SER B 74 1.34 -14.90 -2.29
N THR B 75 2.04 -15.32 -1.24
CA THR B 75 1.57 -15.14 0.12
C THR B 75 2.59 -14.42 0.97
N TYR B 76 2.09 -13.91 2.10
CA TYR B 76 2.89 -13.33 3.16
C TYR B 76 2.40 -13.87 4.49
N TYR B 77 3.31 -13.99 5.46
CA TYR B 77 2.95 -14.33 6.82
C TYR B 77 3.80 -13.53 7.78
N ALA B 78 3.18 -13.07 8.87
CA ALA B 78 3.95 -12.49 9.95
C ALA B 78 4.91 -13.54 10.50
N ASP B 79 6.06 -13.08 11.00
CA ASP B 79 7.08 -14.00 11.49
C ASP B 79 6.59 -14.81 12.67
N SER B 80 5.68 -14.25 13.48
CA SER B 80 5.23 -14.93 14.68
C SER B 80 4.22 -16.05 14.41
N VAL B 81 3.66 -16.12 13.21
CA VAL B 81 2.63 -17.10 12.87
C VAL B 81 3.09 -18.07 11.79
N LYS B 82 4.35 -17.99 11.36
CA LYS B 82 4.74 -18.55 10.07
C LYS B 82 4.47 -20.05 9.99
N GLY B 83 4.96 -20.80 10.97
CA GLY B 83 4.81 -22.24 10.93
C GLY B 83 3.43 -22.75 11.28
N ARG B 84 2.55 -21.90 11.81
CA ARG B 84 1.30 -22.34 12.41
C ARG B 84 0.06 -21.89 11.65
N PHE B 85 0.11 -20.77 10.92
CA PHE B 85 -1.06 -20.26 10.22
C PHE B 85 -0.92 -20.52 8.73
N THR B 86 -2.07 -20.69 8.06
CA THR B 86 -2.09 -20.97 6.63
C THR B 86 -3.29 -20.28 5.99
N ILE B 87 -3.03 -19.45 4.98
CA ILE B 87 -4.05 -18.79 4.19
C ILE B 87 -4.33 -19.66 2.98
N SER B 88 -5.57 -19.60 2.48
CA SER B 88 -5.96 -20.39 1.32
C SER B 88 -7.16 -19.73 0.67
N ARG B 89 -7.17 -19.71 -0.66
CA ARG B 89 -8.32 -19.19 -1.39
C ARG B 89 -9.01 -20.33 -2.13
N ASP B 90 -10.34 -20.27 -2.14
CA ASP B 90 -11.20 -21.18 -2.88
C ASP B 90 -11.92 -20.35 -3.94
N ASN B 91 -11.22 -20.07 -5.04
CA ASN B 91 -11.74 -19.19 -6.07
C ASN B 91 -13.06 -19.69 -6.65
N ALA B 92 -13.34 -20.98 -6.51
CA ALA B 92 -14.63 -21.55 -6.93
C ALA B 92 -15.68 -21.42 -5.84
N LYS B 93 -15.31 -21.59 -4.57
CA LYS B 93 -16.24 -21.45 -3.45
C LYS B 93 -16.25 -20.05 -2.86
N ASN B 94 -15.61 -19.08 -3.52
CA ASN B 94 -15.48 -17.69 -3.07
C ASN B 94 -15.29 -17.55 -1.56
N THR B 95 -14.45 -18.39 -0.97
CA THR B 95 -14.09 -18.27 0.42
C THR B 95 -12.57 -18.20 0.54
N VAL B 96 -12.10 -17.43 1.51
CA VAL B 96 -10.68 -17.39 1.88
C VAL B 96 -10.60 -17.74 3.36
N TYR B 97 -9.99 -18.87 3.67
CA TYR B 97 -9.90 -19.35 5.05
C TYR B 97 -8.47 -19.28 5.58
N LEU B 98 -8.36 -18.78 6.81
CA LEU B 98 -7.11 -18.80 7.57
C LEU B 98 -7.15 -19.98 8.53
N GLN B 99 -6.30 -20.97 8.30
CA GLN B 99 -6.15 -22.06 9.25
C GLN B 99 -5.23 -21.59 10.38
N MET B 100 -5.76 -21.58 11.60
CA MET B 100 -4.98 -21.18 12.78
C MET B 100 -4.79 -22.43 13.64
N ASN B 101 -3.59 -23.00 13.58
CA ASN B 101 -3.30 -24.23 14.33
C ASN B 101 -2.19 -23.90 15.33
N SER B 102 -1.91 -24.79 16.27
CA SER B 102 -0.90 -24.55 17.34
C SER B 102 -1.09 -23.15 17.89
N LEU B 103 -2.26 -22.88 18.45
CA LEU B 103 -2.58 -21.52 18.89
C LEU B 103 -1.88 -21.16 20.19
N LYS B 104 -1.48 -19.90 20.31
CA LYS B 104 -0.78 -19.38 21.48
C LYS B 104 -1.61 -18.26 22.09
N PRO B 105 -1.47 -18.00 23.39
CA PRO B 105 -2.19 -16.87 23.98
C PRO B 105 -1.90 -15.56 23.28
N GLU B 106 -0.66 -15.36 22.83
CA GLU B 106 -0.28 -14.17 22.08
C GLU B 106 -1.17 -13.93 20.87
N ASP B 107 -1.86 -14.96 20.39
CA ASP B 107 -2.72 -14.87 19.22
C ASP B 107 -4.12 -14.35 19.54
N THR B 108 -4.39 -13.93 20.78
CA THR B 108 -5.72 -13.47 21.15
C THR B 108 -5.89 -12.02 20.69
N ALA B 109 -6.92 -11.80 19.87
CA ALA B 109 -7.20 -10.50 19.29
C ALA B 109 -8.46 -10.62 18.45
N VAL B 110 -8.91 -9.48 17.94
CA VAL B 110 -9.98 -9.43 16.95
C VAL B 110 -9.35 -9.56 15.58
N TYR B 111 -9.85 -10.48 14.77
CA TYR B 111 -9.30 -10.74 13.45
C TYR B 111 -10.24 -10.19 12.39
N TYR B 112 -9.72 -9.34 11.52
CA TYR B 112 -10.44 -8.81 10.38
C TYR B 112 -9.83 -9.38 9.11
N CYS B 113 -10.67 -9.60 8.09
CA CYS B 113 -10.13 -9.83 6.76
C CYS B 113 -10.34 -8.58 5.92
N ALA B 114 -9.48 -8.40 4.92
CA ALA B 114 -9.51 -7.24 4.07
C ALA B 114 -9.35 -7.68 2.62
N ALA B 115 -9.86 -6.87 1.70
CA ALA B 115 -9.81 -7.19 0.28
C ALA B 115 -9.50 -5.95 -0.52
N GLU B 116 -8.56 -6.08 -1.47
CA GLU B 116 -8.22 -5.03 -2.41
C GLU B 116 -8.21 -5.58 -3.82
N PRO B 117 -8.72 -4.83 -4.80
CA PRO B 117 -8.54 -5.24 -6.21
C PRO B 117 -7.06 -5.43 -6.51
N ASP B 118 -6.78 -6.41 -7.36
CA ASP B 118 -5.40 -6.82 -7.64
C ASP B 118 -5.33 -7.34 -9.07
N TYR B 119 -5.71 -6.49 -10.03
CA TYR B 119 -5.80 -6.94 -11.42
C TYR B 119 -4.44 -7.37 -11.96
N SER B 120 -3.38 -6.72 -11.52
CA SER B 120 -2.03 -7.24 -11.69
C SER B 120 -1.55 -7.80 -10.36
N GLY B 121 -0.72 -8.85 -10.45
CA GLY B 121 -0.35 -9.59 -9.25
C GLY B 121 0.55 -8.79 -8.33
N VAL B 122 0.27 -8.87 -7.03
CA VAL B 122 1.02 -8.16 -6.01
C VAL B 122 1.99 -9.14 -5.35
N TYR B 123 3.16 -8.63 -4.98
CA TYR B 123 4.12 -9.36 -4.17
C TYR B 123 4.37 -8.55 -2.90
N TYR B 124 4.17 -9.17 -1.75
CA TYR B 124 4.29 -8.48 -0.47
C TYR B 124 5.65 -8.76 0.14
N TYR B 125 6.40 -7.69 0.48
CA TYR B 125 7.47 -7.93 1.44
C TYR B 125 6.91 -7.90 2.85
N THR B 126 6.06 -6.90 3.11
CA THR B 126 5.19 -6.85 4.27
C THR B 126 3.75 -6.70 3.80
N CYS B 127 2.83 -6.81 4.76
CA CYS B 127 1.41 -6.57 4.55
C CYS B 127 0.92 -5.65 5.64
N GLY B 128 0.18 -4.61 5.27
CA GLY B 128 -0.29 -3.64 6.23
C GLY B 128 -1.71 -3.21 5.94
N TRP B 129 -2.31 -2.56 6.94
CA TRP B 129 -3.66 -2.02 6.77
C TRP B 129 -3.70 -0.99 5.65
N THR B 130 -2.56 -0.36 5.34
CA THR B 130 -2.44 0.61 4.26
C THR B 130 -2.55 -0.02 2.88
N ASP B 131 -2.76 -1.33 2.80
CA ASP B 131 -2.80 -2.04 1.53
C ASP B 131 -4.19 -2.47 1.12
N PHE B 132 -5.22 -2.12 1.89
CA PHE B 132 -6.57 -2.60 1.63
C PHE B 132 -7.57 -1.49 1.90
N GLY B 133 -8.66 -1.50 1.14
CA GLY B 133 -9.69 -0.50 1.28
C GLY B 133 -11.02 -1.06 1.76
N SER B 134 -11.21 -2.36 1.62
CA SER B 134 -12.43 -3.04 2.05
C SER B 134 -12.11 -3.90 3.27
N TRP B 135 -13.01 -3.87 4.26
CA TRP B 135 -12.74 -4.55 5.52
C TRP B 135 -14.00 -5.26 6.01
N GLY B 136 -13.77 -6.27 6.84
CA GLY B 136 -14.85 -6.90 7.59
C GLY B 136 -14.99 -6.29 8.97
N GLN B 137 -16.00 -6.75 9.69
CA GLN B 137 -16.27 -6.20 11.01
C GLN B 137 -15.42 -6.83 12.10
N GLY B 138 -15.03 -8.09 11.95
CA GLY B 138 -14.19 -8.73 12.93
C GLY B 138 -14.79 -9.95 13.60
N THR B 139 -13.95 -10.92 13.94
CA THR B 139 -14.30 -12.01 14.83
C THR B 139 -13.34 -12.01 16.01
N GLN B 140 -13.86 -12.31 17.19
CA GLN B 140 -13.03 -12.40 18.38
C GLN B 140 -12.37 -13.76 18.45
N VAL B 141 -11.06 -13.76 18.70
CA VAL B 141 -10.29 -14.98 18.92
C VAL B 141 -9.67 -14.89 20.29
N THR B 142 -9.85 -15.94 21.10
CA THR B 142 -9.34 -15.97 22.46
C THR B 142 -8.65 -17.31 22.70
N VAL B 143 -7.40 -17.26 23.13
CA VAL B 143 -6.63 -18.43 23.50
C VAL B 143 -6.32 -18.32 24.99
N SER B 144 -6.94 -19.18 25.80
CA SER B 144 -6.72 -19.20 27.24
C SER B 144 -7.15 -20.56 27.77
N SER B 145 -7.10 -20.71 29.09
CA SER B 145 -7.51 -21.94 29.76
C SER B 145 -8.22 -21.63 31.07
C1 NAG C . -2.97 28.61 -5.73
C2 NAG C . -2.12 28.38 -4.48
C3 NAG C . -2.69 29.18 -3.30
C4 NAG C . -2.81 30.64 -3.66
C5 NAG C . -3.68 30.80 -4.91
C6 NAG C . -3.76 32.23 -5.39
C7 NAG C . -0.96 26.21 -4.40
C8 NAG C . 0.15 26.89 -5.15
N2 NAG C . -2.02 26.98 -4.13
O3 NAG C . -1.79 29.03 -2.20
O4 NAG C . -3.41 31.36 -2.59
O5 NAG C . -3.12 30.03 -5.99
O6 NAG C . -2.57 32.65 -6.03
O7 NAG C . -0.91 25.03 -4.08
#